data_3LK3
#
_entry.id   3LK3
#
_cell.length_a   47.124
_cell.length_b   115.535
_cell.length_c   61.675
_cell.angle_alpha   90.00
_cell.angle_beta   108.20
_cell.angle_gamma   90.00
#
_symmetry.space_group_name_H-M   'P 1 21 1'
#
loop_
_entity.id
_entity.type
_entity.pdbx_description
1 polymer 'F-actin-capping protein subunit alpha-1'
2 polymer 'F-actin-capping protein subunit beta isoforms 1 and 2'
3 polymer 'Leucine-rich repeat-containing protein 16A'
4 water water
#
loop_
_entity_poly.entity_id
_entity_poly.type
_entity_poly.pdbx_seq_one_letter_code
_entity_poly.pdbx_strand_id
1 'polypeptide(L)'
;MADFEDRVSDEEKVRIAAKFITHAPPGEFNEVFNDVRLLLNNDNLLREGAAHAFAQYNMDQFTPVKIEGYDDQVLITEHG
DLGNGRFLDPRNKISFKFDHLRKEASDPQPEDTESALKQWRDACDSALRAYVKDHYPNGFCTVYGKSIDGQQTIIACIES
HQFQPKNFWNGRWRSEWKFTITPPTAQVAAVLKIQVHYYEDGNVQLVSHKDIQDSVQVSSDVQTAKEFIKIIENAENEYQ
TAISENYQTMSDTTFKALRRQLPVTRTKIDWNKILSYKIGKEMQNA
;
A
2 'polypeptide(L)'
;MSDQQLDCALDLMRRLPPQQIEKNLSDLIDLVPSLCEDLLSSVDQPLKIARDKVVGKDYLLCDYNRDGDSYRSPWSNKYD
PPLEDGAMPSARLRKLEVEANNAFDQYRDLYFEGGVSSVYLWDLDHGFAGVILIKKAGDGSKKIKGCWDSIHVVEVQEKS
SGRTAHYKLTSTVMLWLQTNKTGSGTMNLGGSLTRQMEKDETVSDSSPHIANIGRLVEDMENKIRSTLNEIYFGKTKDIV
NGLRSIDAIPDNQKYKQLQRELSQVLTQRQIYIQPDN
;
B
3 'polypeptide(L)'
;EKRSSGFISELPSEEGKKLEHFTKLRPKRNKKQQPTQAAVCAANIVSQDGEQNGLMGRVDEGVDEFFTKKVTKMDSKKWS
TRGSESHELNEGGDEKKKRDSRKSSGFLNLIKSRS
;
T
#
# COMPACT_ATOMS: atom_id res chain seq x y z
N ARG A 7 -21.09 18.41 -2.25
CA ARG A 7 -19.97 18.65 -1.35
C ARG A 7 -20.17 18.02 0.03
N VAL A 8 -19.26 18.30 0.95
CA VAL A 8 -19.33 17.69 2.27
C VAL A 8 -19.11 18.70 3.38
N SER A 9 -19.59 18.36 4.57
CA SER A 9 -19.46 19.25 5.72
C SER A 9 -18.03 19.22 6.26
N ASP A 10 -17.73 20.15 7.17
CA ASP A 10 -16.44 20.19 7.84
C ASP A 10 -16.35 18.99 8.77
N GLU A 11 -17.52 18.45 9.12
CA GLU A 11 -17.58 17.27 9.96
C GLU A 11 -17.05 16.08 9.15
N GLU A 12 -17.67 15.87 7.99
CA GLU A 12 -17.27 14.78 7.10
C GLU A 12 -15.85 14.94 6.64
N LYS A 13 -15.39 16.18 6.53
CA LYS A 13 -13.99 16.45 6.21
C LYS A 13 -13.02 15.90 7.27
N VAL A 14 -13.27 16.15 8.55
CA VAL A 14 -12.40 15.58 9.59
C VAL A 14 -12.57 14.08 9.71
N ARG A 15 -13.77 13.59 9.39
CA ARG A 15 -14.01 12.17 9.51
C ARG A 15 -13.06 11.56 8.49
N ILE A 16 -12.93 12.24 7.36
CA ILE A 16 -12.02 11.77 6.33
C ILE A 16 -10.58 11.93 6.80
N ALA A 17 -10.29 13.10 7.38
CA ALA A 17 -8.96 13.38 7.90
C ALA A 17 -8.55 12.36 8.96
N ALA A 18 -9.46 12.05 9.87
CA ALA A 18 -9.14 11.09 10.93
C ALA A 18 -8.88 9.74 10.29
N LYS A 19 -9.74 9.33 9.36
CA LYS A 19 -9.59 8.04 8.71
C LYS A 19 -8.20 7.91 8.10
N PHE A 20 -7.74 8.94 7.39
CA PHE A 20 -6.41 8.90 6.79
C PHE A 20 -5.30 8.75 7.83
N ILE A 21 -5.38 9.51 8.92
CA ILE A 21 -4.37 9.40 9.95
C ILE A 21 -4.21 7.98 10.51
N THR A 22 -5.33 7.34 10.84
CA THR A 22 -5.28 6.01 11.42
C THR A 22 -4.79 4.97 10.43
N HIS A 23 -4.71 5.37 9.17
CA HIS A 23 -4.17 4.49 8.13
C HIS A 23 -2.76 4.90 7.74
N ALA A 24 -2.16 5.74 8.58
CA ALA A 24 -0.76 6.06 8.43
C ALA A 24 0.08 4.80 8.64
N PRO A 25 1.02 4.57 7.72
CA PRO A 25 1.97 3.46 7.76
C PRO A 25 3.00 3.72 8.86
N PRO A 26 3.60 2.66 9.41
CA PRO A 26 4.60 2.72 10.49
C PRO A 26 5.71 3.74 10.20
N GLY A 27 5.99 4.60 11.17
CA GLY A 27 7.05 5.60 11.05
C GLY A 27 6.68 6.77 10.16
N GLU A 28 5.42 6.81 9.72
CA GLU A 28 4.98 7.85 8.81
C GLU A 28 3.77 8.65 9.31
N PHE A 29 3.50 8.55 10.62
CA PHE A 29 2.44 9.35 11.22
C PHE A 29 2.65 10.86 11.05
N ASN A 30 3.89 11.33 11.26
CA ASN A 30 4.21 12.74 11.12
C ASN A 30 3.96 13.32 9.72
N GLU A 31 4.27 12.54 8.68
CA GLU A 31 4.08 13.01 7.30
C GLU A 31 2.61 13.02 6.96
N VAL A 32 1.92 11.92 7.23
CA VAL A 32 0.49 11.82 6.95
C VAL A 32 -0.23 12.95 7.68
N PHE A 33 0.20 13.20 8.91
CA PHE A 33 -0.36 14.28 9.70
C PHE A 33 -0.14 15.64 9.06
N ASN A 34 1.09 15.90 8.63
CA ASN A 34 1.38 17.17 7.99
C ASN A 34 0.55 17.34 6.74
N ASP A 35 0.43 16.27 5.96
CA ASP A 35 -0.31 16.31 4.72
C ASP A 35 -1.78 16.59 4.98
N VAL A 36 -2.39 15.82 5.88
CA VAL A 36 -3.81 15.99 6.16
C VAL A 36 -4.13 17.38 6.70
N ARG A 37 -3.30 17.87 7.63
CA ARG A 37 -3.60 19.15 8.29
C ARG A 37 -3.56 20.29 7.30
N LEU A 38 -2.69 20.18 6.30
CA LEU A 38 -2.62 21.19 5.27
C LEU A 38 -3.89 21.18 4.40
N LEU A 39 -4.36 19.99 4.08
CA LEU A 39 -5.52 19.78 3.21
C LEU A 39 -6.82 20.16 3.88
N LEU A 40 -6.94 19.82 5.17
CA LEU A 40 -8.10 20.20 5.96
C LEU A 40 -8.08 21.71 6.07
N ASN A 41 -6.91 22.25 6.38
CA ASN A 41 -6.74 23.70 6.50
C ASN A 41 -7.73 24.23 7.54
N ASN A 42 -7.59 23.73 8.78
CA ASN A 42 -8.42 24.15 9.91
C ASN A 42 -8.03 23.41 11.18
N ASP A 43 -7.07 23.96 11.88
CA ASP A 43 -6.40 23.21 12.93
C ASP A 43 -7.27 22.88 14.11
N ASN A 44 -8.13 23.82 14.49
CA ASN A 44 -9.03 23.59 15.60
C ASN A 44 -10.14 22.66 15.20
N LEU A 45 -10.35 22.53 13.90
CA LEU A 45 -11.22 21.49 13.40
C LEU A 45 -10.46 20.16 13.48
N LEU A 46 -9.20 20.19 13.07
CA LEU A 46 -8.33 19.02 13.22
C LEU A 46 -8.21 18.62 14.70
N ARG A 47 -7.70 19.53 15.52
CA ARG A 47 -7.53 19.27 16.96
C ARG A 47 -8.78 18.62 17.56
N GLU A 48 -9.94 19.20 17.30
CA GLU A 48 -11.22 18.68 17.79
C GLU A 48 -11.56 17.32 17.19
N GLY A 49 -11.53 17.26 15.86
CA GLY A 49 -12.09 16.14 15.11
C GLY A 49 -11.25 14.90 15.00
N ALA A 50 -9.93 15.05 14.93
CA ALA A 50 -9.04 13.93 14.73
C ALA A 50 -8.46 13.46 16.06
N ALA A 51 -8.87 14.13 17.13
CA ALA A 51 -8.36 13.86 18.46
C ALA A 51 -8.40 12.37 18.78
N HIS A 52 -9.54 11.73 18.54
CA HIS A 52 -9.70 10.31 18.80
C HIS A 52 -8.77 9.47 17.92
N ALA A 53 -8.54 9.96 16.70
CA ALA A 53 -7.64 9.30 15.76
C ALA A 53 -6.20 9.17 16.29
N PHE A 54 -5.59 10.29 16.66
CA PHE A 54 -4.23 10.27 17.20
C PHE A 54 -4.07 9.16 18.23
N ALA A 55 -4.88 9.19 19.27
CA ALA A 55 -4.82 8.18 20.32
C ALA A 55 -4.99 6.74 19.79
N GLN A 56 -5.98 6.50 18.92
CA GLN A 56 -6.16 5.18 18.33
C GLN A 56 -4.89 4.79 17.63
N TYR A 57 -4.37 5.68 16.80
CA TYR A 57 -3.16 5.32 16.07
C TYR A 57 -2.11 4.75 17.03
N ASN A 58 -1.66 5.54 18.00
CA ASN A 58 -0.66 5.08 18.97
C ASN A 58 -1.03 3.78 19.71
N MET A 59 -2.30 3.64 20.10
CA MET A 59 -2.77 2.43 20.80
C MET A 59 -2.81 1.18 19.93
N ASP A 60 -3.24 1.37 18.67
CA ASP A 60 -3.30 0.31 17.68
C ASP A 60 -1.89 -0.11 17.30
N GLN A 61 -1.04 0.88 17.05
CA GLN A 61 0.32 0.63 16.58
C GLN A 61 1.20 0.09 17.69
N PHE A 62 0.71 0.09 18.92
CA PHE A 62 1.51 -0.32 20.06
C PHE A 62 2.72 0.58 20.15
N THR A 63 2.51 1.89 19.97
CA THR A 63 3.60 2.86 20.01
C THR A 63 4.41 2.70 21.29
N PRO A 64 5.73 2.57 21.17
CA PRO A 64 6.59 2.45 22.35
C PRO A 64 7.06 3.81 22.84
N VAL A 65 7.22 3.93 24.15
CA VAL A 65 7.66 5.19 24.71
C VAL A 65 8.61 5.00 25.91
N LYS A 66 9.60 5.88 25.99
CA LYS A 66 10.54 5.88 27.10
C LYS A 66 10.03 6.82 28.20
N ILE A 67 10.01 6.35 29.44
CA ILE A 67 9.76 7.20 30.59
C ILE A 67 11.08 7.49 31.25
N GLU A 68 11.48 8.75 31.28
CA GLU A 68 12.75 9.10 31.93
C GLU A 68 12.73 8.60 33.37
N GLY A 69 13.73 7.82 33.74
CA GLY A 69 13.78 7.23 35.07
C GLY A 69 13.73 5.72 35.02
N TYR A 70 12.93 5.17 34.12
CA TYR A 70 12.90 3.72 33.92
C TYR A 70 13.61 3.46 32.61
N ASP A 71 14.18 2.27 32.48
CA ASP A 71 14.94 1.99 31.26
C ASP A 71 14.31 0.85 30.48
N ASP A 72 13.10 0.50 30.87
CA ASP A 72 12.26 -0.38 30.08
C ASP A 72 11.21 0.47 29.35
N GLN A 73 11.20 0.36 28.03
CA GLN A 73 10.24 1.11 27.22
C GLN A 73 8.86 0.48 27.32
N VAL A 74 7.83 1.32 27.37
CA VAL A 74 6.46 0.84 27.55
C VAL A 74 5.60 1.05 26.30
N LEU A 75 4.71 0.11 26.00
CA LEU A 75 3.86 0.21 24.81
C LEU A 75 2.56 0.93 25.13
N ILE A 76 2.16 1.83 24.23
CA ILE A 76 0.81 2.36 24.32
C ILE A 76 -0.12 1.36 23.69
N THR A 77 -1.11 0.92 24.45
CA THR A 77 -2.05 -0.09 24.02
C THR A 77 -3.36 0.23 24.72
N GLU A 78 -4.48 -0.21 24.13
CA GLU A 78 -5.79 0.08 24.71
C GLU A 78 -5.96 -0.64 26.04
N HIS A 79 -5.09 -1.62 26.29
CA HIS A 79 -5.09 -2.32 27.56
C HIS A 79 -4.43 -1.48 28.64
N GLY A 80 -3.68 -0.48 28.22
CA GLY A 80 -3.01 0.38 29.16
C GLY A 80 -3.76 1.69 29.32
N ASP A 81 -4.85 1.84 28.57
CA ASP A 81 -5.59 3.10 28.57
C ASP A 81 -6.34 3.37 29.88
N LEU A 82 -5.83 4.31 30.66
CA LEU A 82 -6.36 4.60 31.97
C LEU A 82 -7.41 5.69 31.91
N GLY A 83 -7.61 6.23 30.71
CA GLY A 83 -8.55 7.32 30.50
C GLY A 83 -7.94 8.67 30.84
N ASN A 84 -8.35 9.71 30.13
CA ASN A 84 -7.96 11.06 30.49
C ASN A 84 -6.48 11.32 30.28
N GLY A 85 -5.96 10.89 29.12
CA GLY A 85 -4.60 11.20 28.74
C GLY A 85 -3.54 10.26 29.27
N ARG A 86 -3.85 9.55 30.35
CA ARG A 86 -2.86 8.70 31.00
C ARG A 86 -2.80 7.26 30.48
N PHE A 87 -1.65 6.61 30.69
CA PHE A 87 -1.51 5.18 30.48
C PHE A 87 -0.76 4.51 31.61
N LEU A 88 -0.95 3.20 31.70
CA LEU A 88 -0.34 2.37 32.73
C LEU A 88 0.93 1.69 32.26
N ASP A 89 1.90 1.58 33.17
CA ASP A 89 3.07 0.74 32.93
C ASP A 89 3.02 -0.34 33.99
N PRO A 90 2.58 -1.54 33.59
CA PRO A 90 2.37 -2.65 34.53
C PRO A 90 3.70 -3.13 35.12
N ARG A 91 4.79 -2.99 34.37
CA ARG A 91 6.08 -3.44 34.88
C ARG A 91 6.40 -2.65 36.13
N ASN A 92 6.55 -1.34 35.98
CA ASN A 92 6.89 -0.49 37.11
C ASN A 92 5.71 0.10 37.87
N LYS A 93 4.49 -0.35 37.58
CA LYS A 93 3.30 0.10 38.32
C LYS A 93 3.18 1.62 38.38
N ILE A 94 3.05 2.26 37.22
CA ILE A 94 2.90 3.71 37.18
C ILE A 94 1.91 4.16 36.12
N SER A 95 1.30 5.31 36.39
CA SER A 95 0.52 6.02 35.41
C SER A 95 1.46 7.03 34.83
N PHE A 96 1.28 7.36 33.57
CA PHE A 96 1.99 8.49 33.02
C PHE A 96 1.10 9.20 32.03
N LYS A 97 1.28 10.51 31.95
CA LYS A 97 0.61 11.30 30.93
C LYS A 97 1.28 11.00 29.59
N PHE A 98 0.51 10.99 28.51
CA PHE A 98 1.07 10.67 27.20
C PHE A 98 0.56 11.60 26.13
N ASP A 99 1.51 12.18 25.39
CA ASP A 99 1.19 13.12 24.32
C ASP A 99 1.13 12.36 23.02
N HIS A 100 -0.05 12.32 22.40
CA HIS A 100 -0.21 11.50 21.20
C HIS A 100 0.42 12.03 19.90
N LEU A 101 0.67 13.33 19.82
CA LEU A 101 1.36 13.89 18.66
C LEU A 101 2.86 13.98 18.85
N ARG A 102 3.32 14.26 20.06
CA ARG A 102 4.75 14.31 20.35
C ARG A 102 5.27 12.93 20.75
N LYS A 103 4.36 12.07 21.18
CA LYS A 103 4.67 10.73 21.68
C LYS A 103 5.59 10.79 22.90
N GLU A 104 5.31 11.72 23.80
CA GLU A 104 6.09 11.81 25.03
C GLU A 104 5.30 11.40 26.27
N ALA A 105 5.97 10.68 27.14
CA ALA A 105 5.45 10.37 28.45
C ALA A 105 5.86 11.48 29.43
N SER A 106 4.98 11.81 30.37
CA SER A 106 5.33 12.76 31.42
C SER A 106 4.56 12.44 32.71
N ASP A 107 4.96 13.07 33.81
CA ASP A 107 4.19 13.02 35.04
C ASP A 107 3.97 11.59 35.54
N PRO A 108 5.05 10.80 35.63
CA PRO A 108 4.90 9.44 36.17
C PRO A 108 4.33 9.49 37.57
N GLN A 109 3.23 8.77 37.82
CA GLN A 109 2.67 8.65 39.16
C GLN A 109 2.55 7.19 39.53
N PRO A 110 2.71 6.88 40.82
CA PRO A 110 2.52 5.51 41.30
C PRO A 110 1.11 5.01 41.00
N GLU A 111 0.92 3.70 41.02
CA GLU A 111 -0.39 3.13 40.70
C GLU A 111 -0.73 1.92 41.57
N ASP A 112 -2.02 1.59 41.65
CA ASP A 112 -2.49 0.53 42.54
C ASP A 112 -3.51 -0.37 41.85
N LEU A 117 -3.84 -10.44 38.51
CA LEU A 117 -2.97 -11.60 38.55
C LEU A 117 -1.54 -11.19 38.73
N LYS A 118 -1.29 -10.35 39.72
CA LYS A 118 0.03 -9.81 39.98
C LYS A 118 1.15 -10.80 39.68
N GLN A 119 1.15 -11.90 40.43
CA GLN A 119 2.24 -12.88 40.39
C GLN A 119 2.43 -13.56 39.03
N TRP A 120 1.32 -13.80 38.35
CA TRP A 120 1.35 -14.38 37.02
C TRP A 120 1.80 -13.39 35.94
N ARG A 121 1.40 -12.13 36.04
CA ARG A 121 1.84 -11.15 35.05
C ARG A 121 3.32 -10.89 35.20
N ASP A 122 3.77 -10.81 36.45
CA ASP A 122 5.20 -10.67 36.73
C ASP A 122 5.99 -11.79 36.04
N ALA A 123 5.64 -13.04 36.36
CA ALA A 123 6.34 -14.19 35.81
C ALA A 123 6.27 -14.22 34.29
N CYS A 124 5.07 -13.98 33.75
CA CYS A 124 4.91 -13.96 32.30
C CYS A 124 5.78 -12.87 31.71
N ASP A 125 5.75 -11.71 32.35
CA ASP A 125 6.54 -10.57 31.92
C ASP A 125 8.04 -10.91 31.79
N SER A 126 8.59 -11.51 32.84
CA SER A 126 9.99 -11.92 32.87
C SER A 126 10.37 -12.83 31.73
N ALA A 127 9.55 -13.83 31.48
CA ALA A 127 9.85 -14.79 30.44
C ALA A 127 9.72 -14.15 29.06
N LEU A 128 8.82 -13.17 28.95
CA LEU A 128 8.57 -12.49 27.69
C LEU A 128 9.67 -11.50 27.34
N ARG A 129 10.17 -10.78 28.33
CA ARG A 129 11.28 -9.88 28.06
C ARG A 129 12.45 -10.68 27.53
N ALA A 130 12.75 -11.79 28.21
CA ALA A 130 13.82 -12.67 27.78
C ALA A 130 13.59 -13.02 26.32
N TYR A 131 12.41 -13.55 26.04
CA TYR A 131 12.03 -13.98 24.69
C TYR A 131 12.10 -12.89 23.63
N VAL A 132 11.64 -11.70 23.99
CA VAL A 132 11.67 -10.59 23.04
C VAL A 132 13.10 -10.14 22.77
N LYS A 133 13.93 -10.08 23.80
CA LYS A 133 15.28 -9.58 23.58
C LYS A 133 16.07 -10.54 22.71
N ASP A 134 15.70 -11.82 22.73
CA ASP A 134 16.37 -12.85 21.91
C ASP A 134 15.98 -12.90 20.43
N HIS A 135 14.77 -12.47 20.10
CA HIS A 135 14.22 -12.72 18.77
C HIS A 135 13.82 -11.47 17.98
N TYR A 136 13.68 -10.34 18.68
CA TYR A 136 13.33 -9.08 18.04
C TYR A 136 14.46 -8.07 18.24
N PRO A 137 15.09 -7.63 17.13
CA PRO A 137 16.24 -6.74 17.28
C PRO A 137 15.91 -5.44 18.02
N ASN A 138 14.74 -4.88 17.81
CA ASN A 138 14.36 -3.66 18.51
C ASN A 138 12.99 -3.79 19.10
N GLY A 139 12.75 -4.92 19.75
CA GLY A 139 11.44 -5.20 20.29
C GLY A 139 11.24 -4.66 21.68
N PHE A 140 9.97 -4.43 22.02
CA PHE A 140 9.57 -4.19 23.39
C PHE A 140 8.29 -4.95 23.60
N CYS A 141 7.91 -5.13 24.85
CA CYS A 141 6.71 -5.88 25.16
C CYS A 141 6.11 -5.30 26.43
N THR A 142 4.87 -5.68 26.70
CA THR A 142 4.17 -5.17 27.86
C THR A 142 3.09 -6.20 28.21
N VAL A 143 3.04 -6.58 29.48
CA VAL A 143 2.10 -7.62 29.90
C VAL A 143 1.08 -7.07 30.86
N TYR A 144 -0.19 -7.33 30.60
CA TYR A 144 -1.27 -6.93 31.49
C TYR A 144 -1.96 -8.15 32.11
N GLY A 145 -2.32 -8.02 33.38
CA GLY A 145 -3.17 -8.98 34.06
C GLY A 145 -4.40 -8.23 34.51
N LYS A 146 -5.58 -8.68 34.07
CA LYS A 146 -6.81 -8.04 34.49
C LYS A 146 -7.97 -9.01 34.45
N SER A 147 -9.16 -8.54 34.83
CA SER A 147 -10.37 -9.33 34.72
C SER A 147 -11.26 -8.79 33.61
N ILE A 148 -11.53 -9.63 32.63
CA ILE A 148 -12.48 -9.26 31.58
C ILE A 148 -13.79 -10.01 31.79
N ASP A 149 -14.81 -9.25 32.18
CA ASP A 149 -16.14 -9.77 32.44
C ASP A 149 -16.11 -11.07 33.26
N GLY A 150 -15.48 -10.99 34.43
CA GLY A 150 -15.48 -12.10 35.38
C GLY A 150 -14.32 -13.06 35.28
N GLN A 151 -13.60 -13.04 34.16
CA GLN A 151 -12.48 -13.96 33.98
C GLN A 151 -11.12 -13.28 34.04
N GLN A 152 -10.14 -14.00 34.60
CA GLN A 152 -8.81 -13.42 34.77
C GLN A 152 -7.96 -13.70 33.55
N THR A 153 -7.28 -12.67 33.05
CA THR A 153 -6.57 -12.80 31.78
C THR A 153 -5.19 -12.15 31.79
N ILE A 154 -4.27 -12.78 31.06
CA ILE A 154 -2.97 -12.20 30.74
C ILE A 154 -2.98 -11.71 29.30
N ILE A 155 -2.49 -10.50 29.08
CA ILE A 155 -2.39 -9.95 27.74
C ILE A 155 -0.95 -9.52 27.46
N ALA A 156 -0.34 -10.15 26.48
CA ALA A 156 1.05 -9.88 26.15
C ALA A 156 1.13 -9.26 24.77
N CYS A 157 1.53 -7.99 24.74
CA CYS A 157 1.75 -7.28 23.49
C CYS A 157 3.24 -7.18 23.14
N ILE A 158 3.54 -7.34 21.86
CA ILE A 158 4.90 -7.13 21.35
C ILE A 158 4.92 -6.23 20.13
N GLU A 159 5.71 -5.16 20.22
CA GLU A 159 5.98 -4.31 19.08
C GLU A 159 7.47 -4.25 18.74
N SER A 160 7.78 -4.30 17.44
CA SER A 160 9.16 -4.21 16.95
C SER A 160 9.18 -3.49 15.62
N HIS A 161 10.11 -2.57 15.42
CA HIS A 161 10.18 -1.89 14.11
C HIS A 161 11.56 -1.49 13.63
N GLN A 162 11.59 -1.14 12.35
CA GLN A 162 12.77 -0.56 11.74
C GLN A 162 12.32 0.63 10.91
N PHE A 163 12.74 1.82 11.30
CA PHE A 163 12.45 2.99 10.49
C PHE A 163 13.68 3.45 9.71
N GLN A 164 13.58 3.44 8.39
CA GLN A 164 14.69 3.90 7.53
C GLN A 164 14.19 4.95 6.57
N PRO A 165 13.80 6.12 7.09
CA PRO A 165 13.19 7.21 6.33
C PRO A 165 14.07 7.61 5.15
N LYS A 166 15.38 7.71 5.37
CA LYS A 166 16.31 8.14 4.33
C LYS A 166 16.38 7.20 3.12
N ASN A 167 15.93 5.96 3.29
CA ASN A 167 15.92 5.01 2.18
C ASN A 167 14.51 4.59 1.81
N PHE A 168 13.55 5.43 2.20
CA PHE A 168 12.13 5.31 1.85
C PHE A 168 11.54 3.96 2.20
N TRP A 169 11.71 3.54 3.45
CA TRP A 169 11.05 2.33 3.90
C TRP A 169 10.95 2.22 5.40
N ASN A 170 9.87 1.57 5.81
CA ASN A 170 9.57 1.36 7.20
C ASN A 170 8.86 0.03 7.30
N GLY A 171 8.87 -0.55 8.50
CA GLY A 171 8.26 -1.83 8.77
C GLY A 171 8.03 -2.05 10.27
N ARG A 172 7.00 -2.83 10.59
CA ARG A 172 6.62 -3.06 11.99
C ARG A 172 5.94 -4.40 12.18
N TRP A 173 6.34 -5.09 13.24
CA TRP A 173 5.67 -6.30 13.72
C TRP A 173 4.91 -5.99 15.01
N ARG A 174 3.65 -6.41 15.10
CA ARG A 174 2.96 -6.44 16.41
C ARG A 174 2.33 -7.81 16.66
N SER A 175 2.51 -8.32 17.87
CA SER A 175 1.74 -9.48 18.29
C SER A 175 0.99 -9.18 19.58
N GLU A 176 -0.20 -9.74 19.69
CA GLU A 176 -1.06 -9.49 20.84
C GLU A 176 -1.68 -10.80 21.28
N TRP A 177 -1.34 -11.22 22.47
CA TRP A 177 -1.72 -12.53 22.92
C TRP A 177 -2.61 -12.41 24.15
N LYS A 178 -3.77 -13.06 24.11
CA LYS A 178 -4.67 -13.04 25.26
C LYS A 178 -4.83 -14.45 25.84
N PHE A 179 -4.36 -14.64 27.06
CA PHE A 179 -4.53 -15.92 27.74
C PHE A 179 -5.56 -15.73 28.81
N THR A 180 -6.79 -16.13 28.52
CA THR A 180 -7.83 -16.07 29.56
C THR A 180 -7.85 -17.39 30.36
N ILE A 181 -7.62 -17.26 31.67
CA ILE A 181 -7.23 -18.39 32.51
C ILE A 181 -8.35 -19.00 33.37
N THR A 182 -8.66 -20.26 33.09
CA THR A 182 -9.71 -20.99 33.81
C THR A 182 -9.20 -22.35 34.24
N PRO A 183 -8.34 -22.36 35.26
CA PRO A 183 -7.51 -23.51 35.60
C PRO A 183 -8.36 -24.76 35.78
N PRO A 184 -7.87 -25.90 35.27
CA PRO A 184 -6.51 -26.00 34.76
C PRO A 184 -6.41 -25.75 33.25
N THR A 185 -7.24 -24.87 32.73
CA THR A 185 -7.14 -24.56 31.30
C THR A 185 -6.97 -23.08 31.03
N ALA A 186 -6.37 -22.76 29.90
CA ALA A 186 -6.34 -21.38 29.43
C ALA A 186 -6.70 -21.35 27.97
N GLN A 187 -7.72 -20.56 27.64
CA GLN A 187 -8.10 -20.33 26.25
C GLN A 187 -7.17 -19.27 25.69
N VAL A 188 -6.55 -19.58 24.57
CA VAL A 188 -5.54 -18.71 23.98
C VAL A 188 -6.04 -18.04 22.73
N ALA A 189 -5.95 -16.72 22.70
CA ALA A 189 -6.24 -15.94 21.49
C ALA A 189 -5.08 -15.01 21.17
N ALA A 190 -4.78 -14.86 19.90
CA ALA A 190 -3.70 -13.97 19.50
C ALA A 190 -3.98 -13.40 18.13
N VAL A 191 -3.54 -12.16 17.93
CA VAL A 191 -3.52 -11.57 16.60
C VAL A 191 -2.08 -11.17 16.23
N LEU A 192 -1.63 -11.66 15.09
CA LEU A 192 -0.30 -11.32 14.61
C LEU A 192 -0.38 -10.38 13.41
N LYS A 193 0.37 -9.28 13.43
CA LYS A 193 0.34 -8.27 12.36
C LYS A 193 1.72 -7.81 11.97
N ILE A 194 1.96 -7.74 10.66
CA ILE A 194 3.20 -7.24 10.09
C ILE A 194 2.84 -6.28 9.00
N GLN A 195 3.50 -5.13 8.96
CA GLN A 195 3.34 -4.19 7.84
C GLN A 195 4.68 -3.69 7.32
N VAL A 196 4.89 -3.77 6.01
CA VAL A 196 6.08 -3.15 5.43
C VAL A 196 5.68 -2.19 4.31
N HIS A 197 6.31 -1.02 4.31
CA HIS A 197 6.08 0.02 3.31
C HIS A 197 7.40 0.49 2.70
N TYR A 198 7.53 0.36 1.40
CA TYR A 198 8.69 0.88 0.69
C TYR A 198 8.17 1.85 -0.32
N TYR A 199 8.69 3.07 -0.29
CA TYR A 199 8.12 4.11 -1.12
C TYR A 199 9.09 4.92 -1.97
N GLU A 200 10.15 4.28 -2.48
CA GLU A 200 11.04 4.95 -3.41
C GLU A 200 10.51 4.79 -4.84
N ASP A 201 10.20 5.90 -5.48
CA ASP A 201 9.67 5.85 -6.83
C ASP A 201 8.45 4.94 -6.86
N GLY A 202 7.67 4.95 -5.80
CA GLY A 202 6.43 4.19 -5.79
C GLY A 202 5.76 4.07 -4.44
N ASN A 203 4.92 3.06 -4.31
CA ASN A 203 4.26 2.74 -3.05
C ASN A 203 3.86 1.27 -3.04
N VAL A 204 4.74 0.46 -2.46
CA VAL A 204 4.48 -0.96 -2.26
C VAL A 204 4.31 -1.29 -0.77
N GLN A 205 3.23 -1.97 -0.42
CA GLN A 205 3.05 -2.37 0.97
C GLN A 205 2.71 -3.84 1.16
N LEU A 206 3.37 -4.44 2.16
CA LEU A 206 2.99 -5.73 2.69
C LEU A 206 1.98 -5.49 3.80
N VAL A 207 0.84 -6.16 3.71
CA VAL A 207 -0.11 -6.19 4.81
C VAL A 207 -0.41 -7.66 5.13
N SER A 208 -0.11 -8.05 6.36
CA SER A 208 -0.29 -9.41 6.78
C SER A 208 -0.88 -9.46 8.18
N HIS A 209 -1.70 -10.48 8.44
CA HIS A 209 -2.10 -10.76 9.80
C HIS A 209 -2.66 -12.16 9.90
N LYS A 210 -2.42 -12.79 11.05
CA LYS A 210 -2.90 -14.14 11.29
C LYS A 210 -3.63 -14.14 12.62
N ASP A 211 -4.72 -14.88 12.67
CA ASP A 211 -5.46 -15.08 13.90
C ASP A 211 -5.12 -16.44 14.51
N ILE A 212 -5.10 -16.50 15.84
CA ILE A 212 -4.95 -17.78 16.52
C ILE A 212 -5.96 -17.97 17.64
N GLN A 213 -6.61 -19.13 17.64
CA GLN A 213 -7.43 -19.58 18.75
C GLN A 213 -6.96 -20.96 19.17
N ASP A 214 -6.75 -21.14 20.47
CA ASP A 214 -6.30 -22.43 20.97
C ASP A 214 -6.70 -22.62 22.43
N SER A 215 -6.48 -23.82 22.95
CA SER A 215 -6.70 -24.13 24.36
C SER A 215 -5.49 -24.86 24.93
N VAL A 216 -5.13 -24.52 26.15
CA VAL A 216 -3.86 -24.98 26.65
C VAL A 216 -3.98 -25.42 28.10
N GLN A 217 -2.93 -26.08 28.57
CA GLN A 217 -2.84 -26.50 29.97
C GLN A 217 -2.30 -25.36 30.84
N VAL A 218 -2.58 -25.42 32.13
CA VAL A 218 -2.18 -24.39 33.07
C VAL A 218 -1.74 -25.06 34.36
N SER A 219 -0.72 -24.51 35.02
CA SER A 219 -0.22 -25.08 36.28
C SER A 219 0.13 -24.01 37.31
N SER A 220 1.43 -23.81 37.54
CA SER A 220 1.92 -22.79 38.48
C SER A 220 2.41 -21.54 37.74
N ASP A 221 2.36 -20.41 38.44
CA ASP A 221 2.78 -19.13 37.86
C ASP A 221 3.98 -19.27 36.93
N VAL A 222 5.11 -19.70 37.52
CA VAL A 222 6.39 -19.80 36.83
C VAL A 222 6.40 -20.91 35.77
N GLN A 223 5.88 -22.08 36.12
CA GLN A 223 5.79 -23.13 35.12
C GLN A 223 4.94 -22.64 33.96
N THR A 224 3.72 -22.21 34.26
CA THR A 224 2.82 -21.70 33.24
C THR A 224 3.42 -20.60 32.36
N ALA A 225 4.11 -19.64 32.98
CA ALA A 225 4.70 -18.56 32.21
C ALA A 225 5.58 -19.13 31.10
N LYS A 226 6.44 -20.07 31.48
CA LYS A 226 7.39 -20.60 30.51
C LYS A 226 6.67 -21.32 29.37
N GLU A 227 5.60 -22.04 29.68
CA GLU A 227 4.85 -22.71 28.61
C GLU A 227 4.22 -21.69 27.67
N PHE A 228 3.63 -20.64 28.24
CA PHE A 228 3.09 -19.54 27.45
C PHE A 228 4.12 -18.96 26.48
N ILE A 229 5.33 -18.70 26.96
CA ILE A 229 6.37 -18.13 26.10
C ILE A 229 6.88 -19.14 25.05
N LYS A 230 6.89 -20.42 25.42
CA LYS A 230 7.34 -21.41 24.48
C LYS A 230 6.27 -21.58 23.40
N ILE A 231 5.01 -21.44 23.79
CA ILE A 231 3.88 -21.47 22.85
C ILE A 231 3.89 -20.29 21.87
N ILE A 232 4.07 -19.09 22.41
CA ILE A 232 4.24 -17.90 21.62
C ILE A 232 5.42 -17.97 20.61
N GLU A 233 6.57 -18.45 21.08
CA GLU A 233 7.73 -18.56 20.20
C GLU A 233 7.41 -19.46 19.02
N ASN A 234 6.72 -20.55 19.30
CA ASN A 234 6.40 -21.52 18.28
C ASN A 234 5.49 -20.90 17.23
N ALA A 235 4.40 -20.27 17.69
CA ALA A 235 3.44 -19.69 16.77
C ALA A 235 4.08 -18.63 15.87
N GLU A 236 4.89 -17.76 16.46
CA GLU A 236 5.54 -16.69 15.72
C GLU A 236 6.60 -17.19 14.76
N ASN A 237 7.15 -18.37 15.01
CA ASN A 237 7.98 -19.00 13.99
C ASN A 237 7.16 -19.53 12.79
N GLU A 238 6.07 -20.26 13.06
CA GLU A 238 5.23 -20.72 11.96
C GLU A 238 4.79 -19.55 11.10
N TYR A 239 4.32 -18.49 11.75
CA TYR A 239 3.85 -17.32 11.02
C TYR A 239 4.97 -16.78 10.14
N GLN A 240 6.10 -16.45 10.75
CA GLN A 240 7.25 -15.94 10.01
C GLN A 240 7.76 -16.86 8.87
N THR A 241 7.91 -18.14 9.18
CA THR A 241 8.30 -19.15 8.20
C THR A 241 7.33 -19.19 7.02
N ALA A 242 6.04 -19.25 7.32
CA ALA A 242 5.02 -19.36 6.29
C ALA A 242 5.03 -18.15 5.39
N ILE A 243 5.31 -17.00 6.00
CA ILE A 243 5.39 -15.77 5.25
C ILE A 243 6.55 -15.83 4.24
N SER A 244 7.71 -16.25 4.75
CA SER A 244 8.87 -16.50 3.91
C SER A 244 8.58 -17.50 2.77
N GLU A 245 7.79 -18.53 3.06
CA GLU A 245 7.40 -19.50 2.03
C GLU A 245 6.51 -18.84 0.98
N ASN A 246 5.57 -18.02 1.43
CA ASN A 246 4.70 -17.30 0.52
C ASN A 246 5.50 -16.42 -0.44
N TYR A 247 6.47 -15.69 0.11
CA TYR A 247 7.37 -14.87 -0.71
C TYR A 247 8.09 -15.69 -1.79
N GLN A 248 8.45 -16.93 -1.45
CA GLN A 248 9.18 -17.80 -2.38
C GLN A 248 8.29 -18.31 -3.52
N THR A 249 7.09 -18.77 -3.17
CA THR A 249 6.10 -19.23 -4.16
C THR A 249 5.67 -18.05 -5.07
N MET A 250 5.41 -16.90 -4.45
CA MET A 250 5.13 -15.69 -5.19
C MET A 250 6.26 -15.37 -6.18
N SER A 251 7.49 -15.60 -5.75
CA SER A 251 8.63 -15.22 -6.56
C SER A 251 8.76 -16.12 -7.75
N ASP A 252 8.91 -17.41 -7.49
CA ASP A 252 9.29 -18.31 -8.57
C ASP A 252 8.11 -18.96 -9.32
N THR A 253 6.89 -18.75 -8.82
CA THR A 253 5.73 -19.31 -9.48
C THR A 253 4.78 -18.25 -10.05
N THR A 254 4.26 -17.40 -9.18
CA THR A 254 3.16 -16.50 -9.53
C THR A 254 3.62 -15.32 -10.38
N PHE A 255 4.70 -14.67 -9.96
CA PHE A 255 5.27 -13.53 -10.67
C PHE A 255 5.63 -13.92 -12.10
N LYS A 256 6.26 -15.07 -12.24
CA LYS A 256 6.70 -15.50 -13.54
C LYS A 256 5.51 -15.75 -14.45
N ALA A 257 4.37 -16.11 -13.87
CA ALA A 257 3.13 -16.27 -14.65
C ALA A 257 2.52 -14.94 -15.09
N LEU A 258 2.91 -13.84 -14.45
CA LEU A 258 2.39 -12.56 -14.86
C LEU A 258 3.04 -12.08 -16.17
N ARG A 259 4.30 -11.65 -16.11
CA ARG A 259 4.97 -11.21 -17.33
C ARG A 259 6.24 -11.98 -17.54
N ARG A 260 6.42 -12.46 -18.76
CA ARG A 260 7.64 -13.13 -19.15
C ARG A 260 8.78 -12.13 -19.07
N GLN A 261 10.00 -12.63 -18.99
CA GLN A 261 11.16 -11.76 -18.91
C GLN A 261 11.56 -11.37 -20.32
N LEU A 262 11.45 -12.35 -21.21
CA LEU A 262 11.56 -12.14 -22.66
C LEU A 262 10.47 -12.96 -23.36
N PRO A 263 10.11 -12.61 -24.60
CA PRO A 263 9.21 -13.49 -25.34
C PRO A 263 9.81 -14.90 -25.50
N VAL A 264 9.08 -15.81 -26.14
CA VAL A 264 9.57 -17.18 -26.28
C VAL A 264 10.67 -17.26 -27.32
N THR A 265 10.85 -16.17 -28.08
CA THR A 265 11.86 -16.13 -29.12
C THR A 265 13.24 -15.83 -28.54
N ARG A 266 13.33 -15.80 -27.21
CA ARG A 266 14.57 -15.51 -26.52
C ARG A 266 15.22 -14.16 -26.88
N THR A 267 14.54 -13.35 -27.69
CA THR A 267 15.04 -12.01 -28.04
C THR A 267 13.96 -10.93 -27.95
N LYS A 268 14.41 -9.68 -28.02
CA LYS A 268 13.49 -8.56 -27.97
C LYS A 268 12.61 -8.59 -29.20
N ILE A 269 11.62 -7.70 -29.22
CA ILE A 269 10.67 -7.65 -30.31
C ILE A 269 11.21 -6.94 -31.56
N ASP A 270 10.91 -7.51 -32.72
CA ASP A 270 11.18 -6.86 -33.99
C ASP A 270 9.94 -6.05 -34.35
N TRP A 271 9.97 -4.75 -34.07
CA TRP A 271 8.78 -3.91 -34.27
C TRP A 271 8.47 -3.69 -35.74
N ASN A 272 9.45 -3.90 -36.60
CA ASN A 272 9.20 -3.86 -38.04
C ASN A 272 8.23 -4.96 -38.40
N LYS A 273 8.58 -6.17 -37.96
CA LYS A 273 7.74 -7.35 -38.16
C LYS A 273 6.35 -7.15 -37.54
N ILE A 274 6.31 -6.71 -36.30
CA ILE A 274 5.05 -6.40 -35.63
C ILE A 274 4.13 -5.57 -36.51
N LEU A 275 4.64 -4.46 -37.03
CA LEU A 275 3.83 -3.54 -37.84
C LEU A 275 3.61 -4.01 -39.30
N SER A 276 3.74 -5.30 -39.54
CA SER A 276 3.49 -5.85 -40.86
C SER A 276 2.27 -6.78 -40.84
N SER B 2 -1.50 25.63 -3.64
CA SER B 2 -2.32 24.48 -4.02
C SER B 2 -1.62 23.63 -5.08
N ASP B 3 -0.57 24.16 -5.67
CA ASP B 3 0.45 23.29 -6.23
C ASP B 3 1.09 22.59 -5.02
N GLN B 4 1.01 23.28 -3.87
CA GLN B 4 1.44 22.74 -2.60
C GLN B 4 0.42 21.73 -2.07
N GLN B 5 -0.85 22.06 -2.22
CA GLN B 5 -1.91 21.14 -1.81
C GLN B 5 -1.83 19.85 -2.62
N LEU B 6 -1.66 19.99 -3.93
CA LEU B 6 -1.57 18.83 -4.79
C LEU B 6 -0.48 17.90 -4.29
N ASP B 7 0.69 18.48 -4.02
CA ASP B 7 1.84 17.72 -3.53
C ASP B 7 1.49 16.93 -2.30
N CYS B 8 0.92 17.60 -1.31
CA CYS B 8 0.53 16.91 -0.10
C CYS B 8 -0.37 15.76 -0.44
N ALA B 9 -1.32 16.02 -1.34
CA ALA B 9 -2.28 15.01 -1.78
C ALA B 9 -1.56 13.83 -2.39
N LEU B 10 -0.64 14.11 -3.31
CA LEU B 10 0.17 13.05 -3.89
C LEU B 10 1.10 12.38 -2.87
N ASP B 11 1.55 13.13 -1.87
CA ASP B 11 2.45 12.55 -0.88
C ASP B 11 1.67 11.56 -0.06
N LEU B 12 0.43 11.93 0.22
CA LEU B 12 -0.43 11.12 1.07
C LEU B 12 -0.67 9.78 0.40
N MET B 13 -0.87 9.83 -0.92
CA MET B 13 -1.17 8.65 -1.70
C MET B 13 0.05 7.75 -1.95
N ARG B 14 1.22 8.22 -1.57
CA ARG B 14 2.42 7.38 -1.57
C ARG B 14 2.49 6.60 -0.28
N ARG B 15 1.53 6.83 0.61
CA ARG B 15 1.64 6.40 2.00
C ARG B 15 0.46 5.56 2.47
N LEU B 16 -0.74 5.97 2.12
CA LEU B 16 -1.91 5.15 2.38
C LEU B 16 -1.81 3.80 1.64
N PRO B 17 -2.23 2.70 2.30
CA PRO B 17 -2.17 1.41 1.63
C PRO B 17 -2.65 1.48 0.21
N PRO B 18 -1.77 1.19 -0.73
CA PRO B 18 -2.12 1.27 -2.15
C PRO B 18 -3.28 0.33 -2.46
N GLN B 19 -3.52 -0.64 -1.59
CA GLN B 19 -4.61 -1.58 -1.85
C GLN B 19 -5.99 -0.90 -1.83
N GLN B 20 -6.07 0.26 -1.20
CA GLN B 20 -7.33 0.98 -1.07
C GLN B 20 -7.33 2.29 -1.84
N ILE B 21 -6.52 2.36 -2.89
CA ILE B 21 -6.47 3.59 -3.67
C ILE B 21 -7.85 4.12 -4.07
N GLU B 22 -8.73 3.25 -4.60
CA GLU B 22 -10.03 3.73 -5.07
C GLU B 22 -10.82 4.50 -4.00
N LYS B 23 -11.08 3.88 -2.86
CA LYS B 23 -11.79 4.54 -1.78
C LYS B 23 -11.03 5.76 -1.23
N ASN B 24 -9.72 5.65 -1.14
CA ASN B 24 -8.89 6.73 -0.61
C ASN B 24 -8.89 7.95 -1.51
N LEU B 25 -8.85 7.72 -2.81
CA LEU B 25 -8.88 8.81 -3.79
C LEU B 25 -10.21 9.57 -3.75
N SER B 26 -11.31 8.84 -3.76
CA SER B 26 -12.62 9.49 -3.71
C SER B 26 -12.82 10.26 -2.40
N ASP B 27 -12.32 9.70 -1.31
CA ASP B 27 -12.33 10.38 -0.02
C ASP B 27 -11.46 11.63 -0.06
N LEU B 28 -10.29 11.48 -0.68
CA LEU B 28 -9.36 12.57 -0.81
C LEU B 28 -9.95 13.71 -1.65
N ILE B 29 -10.60 13.40 -2.76
CA ILE B 29 -11.26 14.45 -3.55
C ILE B 29 -12.44 15.12 -2.79
N ASP B 30 -13.11 14.36 -1.93
CA ASP B 30 -14.14 14.92 -1.06
C ASP B 30 -13.54 15.92 -0.08
N LEU B 31 -12.30 15.66 0.29
CA LEU B 31 -11.57 16.49 1.25
C LEU B 31 -11.11 17.78 0.62
N VAL B 32 -10.66 17.67 -0.63
CA VAL B 32 -10.18 18.80 -1.40
C VAL B 32 -10.70 18.70 -2.85
N PRO B 33 -11.96 19.09 -3.05
CA PRO B 33 -12.62 19.06 -4.35
C PRO B 33 -11.88 19.88 -5.40
N SER B 34 -11.25 20.98 -5.02
CA SER B 34 -10.59 21.81 -6.01
C SER B 34 -9.49 21.06 -6.74
N LEU B 35 -9.10 19.91 -6.20
CA LEU B 35 -8.06 19.06 -6.80
C LEU B 35 -8.61 17.86 -7.62
N CYS B 36 -9.93 17.81 -7.82
CA CYS B 36 -10.56 16.72 -8.53
C CYS B 36 -9.87 16.41 -9.87
N GLU B 37 -9.86 17.37 -10.79
CA GLU B 37 -9.33 17.12 -12.15
C GLU B 37 -7.88 16.64 -12.16
N ASP B 38 -7.07 17.21 -11.28
CA ASP B 38 -5.65 16.88 -11.22
C ASP B 38 -5.40 15.58 -10.47
N LEU B 39 -6.14 15.36 -9.39
CA LEU B 39 -6.01 14.11 -8.65
C LEU B 39 -6.38 12.92 -9.54
N LEU B 40 -7.38 13.11 -10.40
CA LEU B 40 -7.82 12.03 -11.29
C LEU B 40 -6.80 11.69 -12.39
N SER B 41 -5.97 12.64 -12.79
CA SER B 41 -4.97 12.37 -13.83
C SER B 41 -3.57 12.11 -13.28
N SER B 42 -3.40 12.18 -11.96
CA SER B 42 -2.07 11.96 -11.41
C SER B 42 -2.01 10.72 -10.54
N VAL B 43 -3.17 10.32 -10.04
CA VAL B 43 -3.22 9.15 -9.18
C VAL B 43 -3.63 7.92 -9.97
N ASP B 44 -2.74 6.95 -10.02
CA ASP B 44 -3.01 5.72 -10.74
C ASP B 44 -3.92 4.82 -9.92
N GLN B 45 -4.88 4.21 -10.60
CA GLN B 45 -5.74 3.23 -9.95
C GLN B 45 -5.64 1.87 -10.65
N PRO B 46 -5.94 0.80 -9.90
CA PRO B 46 -6.06 -0.53 -10.51
C PRO B 46 -6.95 -0.42 -11.73
N LEU B 47 -6.53 -1.03 -12.83
CA LEU B 47 -7.33 -0.97 -14.04
C LEU B 47 -8.60 -1.81 -13.93
N LYS B 48 -9.68 -1.30 -14.51
CA LYS B 48 -10.91 -2.06 -14.55
C LYS B 48 -11.21 -2.45 -15.99
N ILE B 49 -12.11 -3.41 -16.16
CA ILE B 49 -12.49 -3.92 -17.47
C ILE B 49 -13.96 -3.68 -17.73
N ALA B 50 -14.27 -3.14 -18.91
CA ALA B 50 -15.64 -2.99 -19.35
C ALA B 50 -15.83 -3.82 -20.61
N ARG B 51 -17.05 -4.31 -20.81
CA ARG B 51 -17.36 -5.00 -22.05
C ARG B 51 -17.83 -3.95 -23.05
N ASP B 52 -17.39 -4.10 -24.28
CA ASP B 52 -17.91 -3.30 -25.36
C ASP B 52 -18.93 -4.17 -26.05
N LYS B 53 -20.21 -3.98 -25.72
CA LYS B 53 -21.28 -4.80 -26.30
C LYS B 53 -21.17 -4.88 -27.81
N VAL B 54 -21.25 -3.72 -28.45
CA VAL B 54 -21.25 -3.62 -29.91
C VAL B 54 -20.30 -4.61 -30.61
N VAL B 55 -19.10 -4.79 -30.07
CA VAL B 55 -18.13 -5.70 -30.67
C VAL B 55 -17.86 -6.92 -29.77
N GLY B 56 -18.44 -6.89 -28.58
CA GLY B 56 -18.29 -7.98 -27.62
C GLY B 56 -16.85 -8.26 -27.25
N LYS B 57 -16.05 -7.20 -27.17
CA LYS B 57 -14.66 -7.30 -26.73
C LYS B 57 -14.45 -6.47 -25.47
N ASP B 58 -13.43 -6.84 -24.69
CA ASP B 58 -13.08 -6.13 -23.47
C ASP B 58 -12.12 -4.99 -23.73
N TYR B 59 -12.15 -4.01 -22.84
CA TYR B 59 -11.18 -2.93 -22.90
C TYR B 59 -10.93 -2.39 -21.50
N LEU B 60 -9.85 -1.61 -21.37
CA LEU B 60 -9.42 -1.13 -20.08
C LEU B 60 -9.85 0.31 -19.83
N LEU B 61 -10.06 0.66 -18.56
CA LEU B 61 -10.54 1.98 -18.17
C LEU B 61 -9.46 2.77 -17.46
N CYS B 62 -9.47 4.09 -17.61
CA CYS B 62 -8.53 4.98 -16.92
C CYS B 62 -8.97 6.40 -17.21
N ASP B 63 -8.50 7.38 -16.44
CA ASP B 63 -8.96 8.75 -16.65
C ASP B 63 -8.81 9.19 -18.11
N TYR B 64 -7.89 8.53 -18.84
CA TYR B 64 -7.51 8.96 -20.19
C TYR B 64 -8.50 8.53 -21.28
N ASN B 65 -9.38 7.59 -20.96
CA ASN B 65 -10.51 7.32 -21.83
C ASN B 65 -11.85 7.64 -21.14
N ARG B 66 -11.77 8.44 -20.09
CA ARG B 66 -12.98 8.89 -19.39
C ARG B 66 -13.46 10.29 -19.85
N ASP B 67 -14.76 10.45 -20.04
CA ASP B 67 -15.32 11.79 -20.21
C ASP B 67 -16.72 11.78 -19.60
N GLY B 68 -17.08 12.84 -18.88
CA GLY B 68 -18.24 12.76 -18.01
C GLY B 68 -18.02 11.56 -17.08
N ASP B 69 -18.99 10.66 -17.02
CA ASP B 69 -18.82 9.44 -16.23
C ASP B 69 -18.82 8.26 -17.17
N SER B 70 -18.34 8.51 -18.38
CA SER B 70 -18.36 7.54 -19.45
C SER B 70 -16.92 7.19 -19.84
N TYR B 71 -16.77 6.01 -20.44
CA TYR B 71 -15.49 5.60 -20.96
C TYR B 71 -15.64 5.23 -22.44
N ARG B 72 -14.60 5.50 -23.23
CA ARG B 72 -14.62 5.28 -24.66
C ARG B 72 -13.90 3.97 -24.98
N SER B 73 -14.48 3.21 -25.90
CA SER B 73 -13.92 1.95 -26.34
C SER B 73 -12.94 2.21 -27.48
N PRO B 74 -11.78 1.52 -27.48
CA PRO B 74 -10.81 1.65 -28.57
C PRO B 74 -11.22 0.74 -29.72
N TRP B 75 -12.31 0.00 -29.52
CA TRP B 75 -12.85 -0.88 -30.55
C TRP B 75 -13.84 -0.15 -31.46
N SER B 76 -14.90 0.37 -30.84
CA SER B 76 -16.02 0.93 -31.57
C SER B 76 -16.01 2.43 -31.47
N ASN B 77 -15.08 2.96 -30.70
CA ASN B 77 -14.93 4.40 -30.55
C ASN B 77 -16.19 5.09 -30.04
N LYS B 78 -17.02 4.35 -29.29
CA LYS B 78 -18.23 4.92 -28.70
C LYS B 78 -18.06 5.16 -27.18
N TYR B 79 -18.84 6.08 -26.60
CA TYR B 79 -18.82 6.29 -25.16
C TYR B 79 -19.90 5.45 -24.45
N ASP B 80 -19.61 5.02 -23.24
CA ASP B 80 -20.54 4.19 -22.50
C ASP B 80 -20.48 4.55 -21.02
N PRO B 81 -21.62 4.95 -20.43
CA PRO B 81 -22.89 5.14 -21.14
C PRO B 81 -22.72 6.16 -22.26
N PRO B 82 -23.70 6.28 -23.17
CA PRO B 82 -23.53 7.20 -24.29
C PRO B 82 -23.45 8.62 -23.75
N LEU B 83 -22.72 9.47 -24.46
CA LEU B 83 -22.36 10.79 -23.95
C LEU B 83 -22.51 11.75 -25.08
N GLU B 84 -23.11 12.89 -24.79
CA GLU B 84 -23.28 13.94 -25.78
C GLU B 84 -21.96 14.68 -25.98
N ASP B 85 -21.34 14.45 -27.13
CA ASP B 85 -20.07 15.09 -27.46
C ASP B 85 -18.96 14.92 -26.41
N GLY B 86 -18.45 13.71 -26.30
CA GLY B 86 -17.23 13.47 -25.57
C GLY B 86 -15.99 13.71 -26.41
N ALA B 87 -14.87 13.96 -25.74
CA ALA B 87 -13.59 14.09 -26.42
C ALA B 87 -13.31 12.91 -27.37
N MET B 88 -12.97 13.24 -28.62
CA MET B 88 -12.66 12.24 -29.63
C MET B 88 -11.33 12.57 -30.34
N PRO B 89 -10.62 11.52 -30.78
CA PRO B 89 -9.39 11.80 -31.52
C PRO B 89 -9.78 12.29 -32.90
N SER B 90 -8.90 13.04 -33.55
CA SER B 90 -9.11 13.38 -34.95
C SER B 90 -9.12 12.08 -35.75
N ALA B 91 -9.79 12.11 -36.90
CA ALA B 91 -9.91 10.92 -37.74
C ALA B 91 -8.53 10.38 -38.10
N ARG B 92 -7.61 11.31 -38.31
CA ARG B 92 -6.21 10.97 -38.47
C ARG B 92 -5.75 10.14 -37.26
N LEU B 93 -5.80 10.73 -36.08
CA LEU B 93 -5.44 10.04 -34.83
C LEU B 93 -6.19 8.74 -34.56
N ARG B 94 -7.49 8.71 -34.85
CA ARG B 94 -8.25 7.50 -34.66
C ARG B 94 -7.64 6.40 -35.48
N LYS B 95 -7.15 6.75 -36.66
CA LYS B 95 -6.55 5.75 -37.53
C LYS B 95 -5.29 5.16 -36.91
N LEU B 96 -4.40 6.03 -36.46
CA LEU B 96 -3.16 5.59 -35.85
C LEU B 96 -3.48 4.81 -34.58
N GLU B 97 -4.44 5.30 -33.80
CA GLU B 97 -4.84 4.65 -32.54
C GLU B 97 -5.23 3.19 -32.74
N VAL B 98 -5.97 2.92 -33.80
CA VAL B 98 -6.39 1.56 -34.10
C VAL B 98 -5.15 0.73 -34.43
N GLU B 99 -4.16 1.36 -35.04
CA GLU B 99 -2.94 0.68 -35.42
C GLU B 99 -2.02 0.46 -34.22
N ALA B 100 -2.13 1.34 -33.23
CA ALA B 100 -1.37 1.19 -31.98
C ALA B 100 -1.99 0.09 -31.12
N ASN B 101 -3.31 -0.04 -31.20
CA ASN B 101 -4.02 -1.12 -30.54
C ASN B 101 -3.61 -2.50 -31.03
N ASN B 102 -3.52 -2.67 -32.35
CA ASN B 102 -3.08 -3.93 -32.93
C ASN B 102 -1.64 -4.22 -32.54
N ALA B 103 -0.80 -3.21 -32.74
CA ALA B 103 0.62 -3.34 -32.48
C ALA B 103 0.84 -3.82 -31.05
N PHE B 104 0.10 -3.25 -30.10
CA PHE B 104 0.32 -3.52 -28.68
C PHE B 104 -0.48 -4.73 -28.22
N ASP B 105 -1.33 -5.24 -29.08
CA ASP B 105 -2.01 -6.49 -28.77
C ASP B 105 -1.01 -7.61 -29.00
N GLN B 106 -0.16 -7.42 -30.00
CA GLN B 106 0.89 -8.40 -30.31
C GLN B 106 1.92 -8.31 -29.21
N TYR B 107 2.19 -7.09 -28.74
CA TYR B 107 3.16 -6.92 -27.67
C TYR B 107 2.70 -7.70 -26.44
N ARG B 108 1.47 -7.41 -26.03
CA ARG B 108 0.82 -8.07 -24.91
C ARG B 108 0.95 -9.59 -25.02
N ASP B 109 0.73 -10.09 -26.23
CA ASP B 109 0.72 -11.53 -26.45
C ASP B 109 2.11 -12.08 -26.18
N LEU B 110 3.08 -11.59 -26.95
CA LEU B 110 4.46 -12.01 -26.79
C LEU B 110 4.97 -12.01 -25.34
N TYR B 111 4.59 -11.01 -24.55
CA TYR B 111 5.18 -10.85 -23.23
C TYR B 111 4.32 -11.38 -22.10
N PHE B 112 3.01 -11.33 -22.26
CA PHE B 112 2.11 -11.79 -21.21
C PHE B 112 1.40 -13.09 -21.56
N GLU B 113 1.30 -13.41 -22.84
CA GLU B 113 0.64 -14.65 -23.25
C GLU B 113 -0.79 -14.72 -22.66
N GLY B 114 -1.43 -13.56 -22.60
CA GLY B 114 -2.79 -13.46 -22.14
C GLY B 114 -3.09 -12.03 -21.74
N GLY B 115 -4.16 -11.85 -20.98
CA GLY B 115 -4.46 -10.53 -20.44
C GLY B 115 -5.14 -9.70 -21.48
N VAL B 116 -5.30 -8.42 -21.16
CA VAL B 116 -6.02 -7.50 -22.02
C VAL B 116 -5.10 -6.33 -22.34
N SER B 117 -5.41 -5.62 -23.42
CA SER B 117 -4.67 -4.41 -23.70
C SER B 117 -5.57 -3.29 -24.23
N SER B 118 -5.18 -2.06 -23.99
CA SER B 118 -5.92 -0.96 -24.58
C SER B 118 -4.98 0.22 -24.80
N VAL B 119 -5.18 0.87 -25.93
CA VAL B 119 -4.41 2.06 -26.23
C VAL B 119 -5.36 3.20 -26.59
N TYR B 120 -5.21 4.31 -25.88
CA TYR B 120 -5.99 5.51 -26.18
C TYR B 120 -5.08 6.69 -26.51
N LEU B 121 -5.30 7.29 -27.67
CA LEU B 121 -4.55 8.48 -28.08
C LEU B 121 -5.42 9.72 -28.01
N TRP B 122 -4.79 10.88 -27.90
CA TRP B 122 -5.53 12.13 -27.97
C TRP B 122 -4.62 13.20 -28.55
N ASP B 123 -5.23 14.15 -29.26
CA ASP B 123 -4.47 15.17 -29.98
C ASP B 123 -3.82 16.19 -29.07
N LEU B 124 -2.63 16.62 -29.45
CA LEU B 124 -1.94 17.78 -28.82
C LEU B 124 -1.58 18.82 -29.89
N ASP B 125 -1.37 20.05 -29.45
CA ASP B 125 -0.99 21.16 -30.33
C ASP B 125 0.08 20.78 -31.34
N HIS B 126 1.19 20.24 -30.85
CA HIS B 126 2.27 19.87 -31.75
C HIS B 126 2.68 18.41 -31.60
N GLY B 127 1.75 17.53 -31.92
CA GLY B 127 1.96 16.11 -31.76
C GLY B 127 0.79 15.46 -31.08
N PHE B 128 1.06 14.45 -30.27
CA PHE B 128 -0.01 13.77 -29.58
C PHE B 128 0.45 13.04 -28.33
N ALA B 129 -0.50 12.45 -27.62
CA ALA B 129 -0.18 11.68 -26.44
C ALA B 129 -0.93 10.39 -26.57
N GLY B 130 -0.42 9.38 -25.88
CA GLY B 130 -1.08 8.08 -25.84
C GLY B 130 -0.90 7.48 -24.46
N VAL B 131 -1.74 6.51 -24.16
CA VAL B 131 -1.55 5.73 -22.96
C VAL B 131 -1.76 4.30 -23.37
N ILE B 132 -0.81 3.44 -23.03
CA ILE B 132 -0.91 2.04 -23.36
C ILE B 132 -1.20 1.32 -22.05
N LEU B 133 -2.31 0.56 -22.02
CA LEU B 133 -2.75 -0.12 -20.81
C LEU B 133 -2.86 -1.63 -20.99
N ILE B 134 -2.44 -2.36 -19.96
CA ILE B 134 -2.35 -3.81 -20.01
C ILE B 134 -2.69 -4.40 -18.65
N LYS B 135 -3.42 -5.52 -18.65
CA LYS B 135 -3.79 -6.16 -17.39
C LYS B 135 -3.66 -7.66 -17.55
N LYS B 136 -2.96 -8.29 -16.61
CA LYS B 136 -2.78 -9.73 -16.67
C LYS B 136 -2.98 -10.37 -15.29
N ALA B 137 -3.97 -11.24 -15.17
CA ALA B 137 -4.21 -11.94 -13.90
C ALA B 137 -3.67 -13.37 -13.92
N GLY B 138 -3.30 -13.86 -12.74
CA GLY B 138 -2.81 -15.21 -12.59
C GLY B 138 -3.92 -16.24 -12.66
N ASP B 139 -3.58 -17.50 -12.46
CA ASP B 139 -4.57 -18.57 -12.49
C ASP B 139 -5.16 -18.89 -11.12
N GLY B 140 -4.40 -18.64 -10.05
CA GLY B 140 -4.86 -19.03 -8.72
C GLY B 140 -4.26 -20.37 -8.40
N SER B 141 -3.27 -20.73 -9.22
CA SER B 141 -2.41 -21.87 -8.97
C SER B 141 -1.65 -21.63 -7.67
N LYS B 142 -1.73 -22.60 -6.77
CA LYS B 142 -1.05 -22.52 -5.48
C LYS B 142 -1.80 -21.60 -4.51
N LYS B 143 -3.07 -21.32 -4.83
CA LYS B 143 -3.92 -20.47 -3.99
C LYS B 143 -3.34 -19.06 -3.82
N ILE B 144 -2.49 -18.65 -4.76
CA ILE B 144 -1.94 -17.32 -4.72
C ILE B 144 -2.48 -16.52 -5.90
N LYS B 145 -3.12 -15.40 -5.59
CA LYS B 145 -3.69 -14.50 -6.60
C LYS B 145 -2.71 -13.38 -6.93
N GLY B 146 -2.61 -13.06 -8.21
CA GLY B 146 -1.72 -12.00 -8.68
C GLY B 146 -2.34 -11.27 -9.85
N CYS B 147 -2.16 -9.96 -9.88
CA CYS B 147 -2.55 -9.20 -11.06
C CYS B 147 -1.49 -8.16 -11.37
N TRP B 148 -1.20 -7.99 -12.65
CA TRP B 148 -0.20 -7.04 -13.09
C TRP B 148 -0.86 -5.94 -13.91
N ASP B 149 -0.60 -4.69 -13.55
CA ASP B 149 -1.18 -3.54 -14.25
C ASP B 149 -0.09 -2.66 -14.86
N SER B 150 -0.14 -2.47 -16.17
CA SER B 150 0.73 -1.51 -16.83
C SER B 150 -0.02 -0.22 -17.18
N ILE B 151 0.61 0.92 -16.88
CA ILE B 151 0.15 2.21 -17.39
C ILE B 151 1.30 3.02 -18.00
N HIS B 152 1.37 3.04 -19.33
CA HIS B 152 2.39 3.84 -20.02
C HIS B 152 1.73 5.05 -20.65
N VAL B 153 2.08 6.22 -20.14
CA VAL B 153 1.60 7.47 -20.73
C VAL B 153 2.74 8.13 -21.47
N VAL B 154 2.55 8.33 -22.77
CA VAL B 154 3.61 8.85 -23.60
C VAL B 154 3.20 10.16 -24.24
N GLU B 155 4.10 11.14 -24.20
CA GLU B 155 3.93 12.36 -24.95
C GLU B 155 4.83 12.33 -26.17
N VAL B 156 4.30 12.74 -27.31
CA VAL B 156 5.10 12.75 -28.55
C VAL B 156 5.20 14.13 -29.16
N GLN B 157 6.38 14.73 -29.10
CA GLN B 157 6.61 16.02 -29.72
C GLN B 157 7.25 15.90 -31.11
N GLU B 158 6.44 16.07 -32.16
CA GLU B 158 6.99 16.08 -33.50
C GLU B 158 7.57 17.46 -33.78
N LYS B 159 8.73 17.51 -34.41
CA LYS B 159 9.28 18.80 -34.85
C LYS B 159 9.00 19.00 -36.33
N SER B 160 8.98 20.26 -36.78
CA SER B 160 8.57 20.61 -38.14
C SER B 160 9.27 19.81 -39.25
N SER B 161 10.55 19.49 -39.03
CA SER B 161 11.23 18.57 -39.92
C SER B 161 10.39 17.31 -40.00
N GLY B 162 10.17 16.69 -38.84
CA GLY B 162 9.33 15.52 -38.74
C GLY B 162 10.18 14.31 -38.99
N ARG B 163 11.45 14.55 -39.24
CA ARG B 163 12.41 13.48 -39.45
C ARG B 163 12.68 12.85 -38.10
N THR B 164 12.48 13.62 -37.04
CA THR B 164 12.55 13.10 -35.68
C THR B 164 11.40 13.59 -34.79
N ALA B 165 11.23 12.93 -33.65
CA ALA B 165 10.31 13.36 -32.61
C ALA B 165 10.92 13.19 -31.22
N HIS B 166 10.36 13.87 -30.23
CA HIS B 166 10.79 13.73 -28.84
C HIS B 166 9.71 12.99 -28.09
N TYR B 167 10.12 12.06 -27.24
CA TYR B 167 9.17 11.21 -26.56
C TYR B 167 9.36 11.24 -25.05
N LYS B 168 8.29 11.58 -24.34
CA LYS B 168 8.30 11.55 -22.89
C LYS B 168 7.43 10.40 -22.39
N LEU B 169 8.05 9.36 -21.86
CA LEU B 169 7.32 8.24 -21.34
C LEU B 169 7.34 8.27 -19.83
N THR B 170 6.14 8.19 -19.25
CA THR B 170 5.95 8.02 -17.82
C THR B 170 5.23 6.70 -17.59
N SER B 171 5.90 5.78 -16.91
CA SER B 171 5.42 4.39 -16.85
C SER B 171 5.16 3.88 -15.45
N THR B 172 3.99 3.29 -15.25
CA THR B 172 3.64 2.75 -13.95
C THR B 172 3.24 1.29 -14.12
N VAL B 173 3.63 0.46 -13.16
CA VAL B 173 3.14 -0.90 -13.13
C VAL B 173 2.60 -1.15 -11.73
N MET B 174 1.37 -1.60 -11.64
CA MET B 174 0.84 -1.99 -10.34
C MET B 174 0.91 -3.52 -10.24
N LEU B 175 1.56 -4.00 -9.19
CA LEU B 175 1.68 -5.43 -8.97
C LEU B 175 0.86 -5.76 -7.73
N TRP B 176 -0.04 -6.73 -7.84
CA TRP B 176 -0.94 -7.03 -6.72
C TRP B 176 -0.99 -8.53 -6.42
N LEU B 177 -0.52 -8.93 -5.25
CA LEU B 177 -0.54 -10.33 -4.84
C LEU B 177 -1.24 -10.51 -3.50
N GLN B 178 -1.97 -11.61 -3.34
CA GLN B 178 -2.58 -11.87 -2.04
C GLN B 178 -2.80 -13.37 -1.81
N THR B 179 -3.00 -13.75 -0.56
CA THR B 179 -3.16 -15.15 -0.19
C THR B 179 -3.65 -15.26 1.22
N ASN B 180 -4.48 -16.27 1.45
CA ASN B 180 -4.92 -16.67 2.77
C ASN B 180 -4.57 -18.15 3.03
N LYS B 181 -3.51 -18.38 3.81
CA LYS B 181 -3.13 -19.72 4.20
C LYS B 181 -3.02 -19.76 5.69
N THR B 182 -3.33 -20.92 6.28
CA THR B 182 -2.99 -21.16 7.68
C THR B 182 -1.47 -21.16 7.69
N GLY B 183 -0.87 -20.10 8.22
CA GLY B 183 0.55 -19.92 8.01
C GLY B 183 1.24 -19.00 8.97
N SER B 184 1.32 -17.68 8.68
CA SER B 184 0.87 -16.97 7.47
C SER B 184 -0.38 -16.12 7.63
N GLY B 185 -1.55 -16.75 7.63
CA GLY B 185 -2.80 -16.01 7.58
C GLY B 185 -2.95 -15.22 6.29
N THR B 186 -3.76 -14.16 6.30
CA THR B 186 -3.95 -13.33 5.11
C THR B 186 -2.67 -12.55 4.85
N MET B 187 -2.30 -12.46 3.59
CA MET B 187 -1.11 -11.73 3.19
C MET B 187 -1.40 -11.01 1.89
N ASN B 188 -1.29 -9.69 1.92
CA ASN B 188 -1.56 -8.87 0.76
C ASN B 188 -0.35 -7.95 0.49
N LEU B 189 0.34 -8.21 -0.61
CA LEU B 189 1.51 -7.44 -0.98
C LEU B 189 1.18 -6.65 -2.25
N GLY B 190 0.94 -5.35 -2.10
CA GLY B 190 0.54 -4.54 -3.23
C GLY B 190 1.23 -3.21 -3.38
N GLY B 191 1.12 -2.63 -4.57
CA GLY B 191 1.73 -1.33 -4.83
C GLY B 191 2.08 -1.11 -6.29
N SER B 192 3.05 -0.25 -6.53
CA SER B 192 3.40 0.14 -7.88
C SER B 192 4.71 0.89 -7.86
N LEU B 193 5.46 0.76 -8.97
CA LEU B 193 6.64 1.55 -9.23
C LEU B 193 6.41 2.41 -10.47
N THR B 194 7.03 3.58 -10.49
CA THR B 194 6.94 4.50 -11.61
C THR B 194 8.33 4.95 -12.02
N ARG B 195 8.50 5.23 -13.31
CA ARG B 195 9.79 5.65 -13.86
C ARG B 195 9.54 6.46 -15.09
N GLN B 196 10.43 7.40 -15.38
CA GLN B 196 10.32 8.24 -16.57
C GLN B 196 11.48 7.97 -17.50
N MET B 197 11.24 8.19 -18.80
CA MET B 197 12.30 8.19 -19.80
C MET B 197 12.06 9.41 -20.67
N GLU B 198 13.11 9.86 -21.36
CA GLU B 198 13.00 10.96 -22.29
C GLU B 198 13.99 10.69 -23.42
N LYS B 199 13.48 10.56 -24.63
CA LYS B 199 14.33 10.19 -25.76
C LYS B 199 13.97 10.92 -27.05
N ASP B 200 14.97 11.08 -27.91
CA ASP B 200 14.74 11.52 -29.26
C ASP B 200 15.04 10.39 -30.21
N GLU B 201 14.06 10.09 -31.06
CA GLU B 201 14.16 8.98 -31.98
C GLU B 201 13.85 9.48 -33.38
N THR B 202 14.30 8.74 -34.39
CA THR B 202 14.02 9.10 -35.77
C THR B 202 12.65 8.57 -36.21
N VAL B 203 11.85 9.46 -36.79
CA VAL B 203 10.54 9.11 -37.33
C VAL B 203 10.65 9.01 -38.84
N SER B 204 10.45 7.82 -39.38
CA SER B 204 10.50 7.58 -40.81
C SER B 204 9.48 6.52 -41.18
N ASP B 205 9.47 6.11 -42.44
CA ASP B 205 8.65 4.99 -42.87
C ASP B 205 9.19 3.70 -42.24
N SER B 206 10.50 3.63 -42.03
CA SER B 206 11.10 2.41 -41.47
C SER B 206 11.18 2.45 -39.94
N SER B 207 10.97 3.62 -39.36
CA SER B 207 10.99 3.77 -37.91
C SER B 207 9.85 4.68 -37.48
N PRO B 208 8.60 4.18 -37.53
CA PRO B 208 7.40 4.99 -37.27
C PRO B 208 7.14 5.21 -35.76
N HIS B 209 6.21 6.11 -35.43
CA HIS B 209 5.92 6.42 -34.02
C HIS B 209 5.67 5.16 -33.19
N ILE B 210 4.82 4.28 -33.71
CA ILE B 210 4.39 3.14 -32.92
C ILE B 210 5.55 2.18 -32.64
N ALA B 211 6.52 2.18 -33.54
CA ALA B 211 7.74 1.42 -33.36
C ALA B 211 8.59 2.07 -32.28
N ASN B 212 8.73 3.39 -32.35
CA ASN B 212 9.51 4.11 -31.36
C ASN B 212 8.93 3.98 -29.97
N ILE B 213 7.61 4.16 -29.90
CA ILE B 213 6.92 4.07 -28.63
C ILE B 213 7.01 2.67 -28.08
N GLY B 214 6.75 1.68 -28.93
CA GLY B 214 6.81 0.31 -28.51
C GLY B 214 8.17 -0.01 -27.91
N ARG B 215 9.24 0.45 -28.56
CA ARG B 215 10.58 0.10 -28.11
C ARG B 215 10.84 0.73 -26.76
N LEU B 216 10.28 1.92 -26.54
CA LEU B 216 10.42 2.55 -25.25
C LEU B 216 9.66 1.75 -24.21
N VAL B 217 8.39 1.49 -24.48
CA VAL B 217 7.55 0.77 -23.54
C VAL B 217 8.22 -0.55 -23.17
N GLU B 218 8.91 -1.16 -24.13
CA GLU B 218 9.59 -2.45 -23.93
C GLU B 218 10.84 -2.37 -23.02
N ASP B 219 11.72 -1.40 -23.28
CA ASP B 219 12.89 -1.20 -22.42
C ASP B 219 12.39 -1.00 -21.00
N MET B 220 11.33 -0.20 -20.89
CA MET B 220 10.82 0.24 -19.62
C MET B 220 10.26 -0.92 -18.78
N GLU B 221 9.46 -1.78 -19.39
CA GLU B 221 8.81 -2.85 -18.64
C GLU B 221 9.84 -3.88 -18.27
N ASN B 222 10.75 -4.14 -19.20
CA ASN B 222 11.90 -5.00 -18.93
C ASN B 222 12.65 -4.52 -17.68
N LYS B 223 12.89 -3.22 -17.59
CA LYS B 223 13.52 -2.62 -16.43
C LYS B 223 12.69 -2.82 -15.17
N ILE B 224 11.44 -2.36 -15.24
CA ILE B 224 10.58 -2.35 -14.08
C ILE B 224 10.29 -3.77 -13.59
N ARG B 225 10.14 -4.71 -14.52
CA ARG B 225 9.90 -6.09 -14.17
C ARG B 225 11.00 -6.51 -13.23
N SER B 226 12.21 -6.11 -13.59
CA SER B 226 13.39 -6.43 -12.81
C SER B 226 13.33 -5.81 -11.42
N THR B 227 12.97 -4.53 -11.37
CA THR B 227 12.93 -3.80 -10.10
C THR B 227 11.78 -4.29 -9.21
N LEU B 228 10.62 -4.55 -9.82
CA LEU B 228 9.51 -5.15 -9.08
C LEU B 228 9.98 -6.44 -8.41
N ASN B 229 10.77 -7.24 -9.12
CA ASN B 229 11.26 -8.50 -8.57
C ASN B 229 12.21 -8.25 -7.43
N GLU B 230 13.03 -7.21 -7.56
CA GLU B 230 13.96 -6.86 -6.50
C GLU B 230 13.24 -6.29 -5.28
N ILE B 231 12.28 -5.39 -5.51
CA ILE B 231 11.58 -4.70 -4.43
C ILE B 231 10.66 -5.64 -3.65
N TYR B 232 9.73 -6.26 -4.36
CA TYR B 232 8.72 -7.09 -3.72
C TYR B 232 9.35 -8.24 -2.94
N PHE B 233 9.97 -9.16 -3.66
CA PHE B 233 10.39 -10.43 -3.07
C PHE B 233 11.79 -10.42 -2.52
N GLY B 234 12.43 -9.26 -2.57
CA GLY B 234 13.78 -9.08 -2.07
C GLY B 234 13.83 -8.06 -0.97
N LYS B 235 13.55 -6.80 -1.30
CA LYS B 235 13.64 -5.75 -0.29
C LYS B 235 12.61 -5.92 0.83
N THR B 236 11.33 -5.99 0.49
CA THR B 236 10.28 -6.06 1.54
C THR B 236 10.40 -7.35 2.36
N LYS B 237 10.93 -8.39 1.74
CA LYS B 237 11.29 -9.64 2.40
C LYS B 237 12.37 -9.39 3.47
N ASP B 238 13.47 -8.77 3.05
CA ASP B 238 14.56 -8.44 3.96
C ASP B 238 14.12 -7.56 5.13
N ILE B 239 13.11 -6.74 4.90
CA ILE B 239 12.57 -5.91 5.95
C ILE B 239 11.80 -6.75 6.98
N VAL B 240 10.94 -7.65 6.49
CA VAL B 240 10.22 -8.53 7.41
C VAL B 240 11.19 -9.27 8.31
N ASN B 241 12.28 -9.75 7.74
CA ASN B 241 13.23 -10.56 8.50
C ASN B 241 14.24 -9.76 9.32
N GLY B 242 14.07 -8.45 9.37
CA GLY B 242 14.83 -7.62 10.30
C GLY B 242 13.99 -7.16 11.49
N LEU B 243 12.70 -7.50 11.48
CA LEU B 243 11.82 -7.14 12.58
C LEU B 243 11.95 -8.20 13.66
N ARG B 244 12.13 -9.45 13.23
CA ARG B 244 12.11 -10.59 14.14
C ARG B 244 12.91 -11.74 13.55
N SER B 245 13.52 -12.55 14.41
CA SER B 245 14.40 -13.63 13.97
C SER B 245 14.08 -14.97 14.66
N ILE B 246 13.68 -15.97 13.89
CA ILE B 246 13.49 -17.35 14.38
C ILE B 246 14.65 -17.76 15.29
N ASP B 247 15.87 -17.63 14.78
CA ASP B 247 17.04 -18.00 15.56
C ASP B 247 17.33 -16.96 16.62
N ALA B 248 17.70 -17.42 17.81
CA ALA B 248 18.11 -16.52 18.87
C ALA B 248 19.21 -15.62 18.34
N ILE B 249 19.17 -14.35 18.75
CA ILE B 249 20.17 -13.38 18.35
C ILE B 249 21.45 -13.53 19.17
N PRO B 250 22.61 -13.56 18.49
CA PRO B 250 23.92 -13.67 19.15
C PRO B 250 24.12 -12.57 20.20
N ILE C 8 -2.11 22.62 17.94
CA ILE C 8 -1.42 21.74 17.01
C ILE C 8 -0.51 22.48 16.01
N SER C 9 0.57 21.83 15.57
CA SER C 9 1.58 22.44 14.70
C SER C 9 2.30 21.38 13.87
N GLU C 10 3.29 21.81 13.08
CA GLU C 10 4.01 20.90 12.17
C GLU C 10 5.03 19.96 12.84
N LEU C 11 4.87 18.65 12.61
CA LEU C 11 5.69 17.65 13.27
C LEU C 11 6.93 17.30 12.47
N PRO C 12 8.02 16.93 13.17
CA PRO C 12 9.34 16.57 12.61
C PRO C 12 9.31 15.48 11.52
N SER C 13 10.06 15.69 10.46
CA SER C 13 10.18 14.72 9.37
C SER C 13 11.64 14.30 9.21
N GLU C 14 11.89 13.01 9.21
CA GLU C 14 13.26 12.49 9.13
C GLU C 14 13.60 11.94 7.75
N GLU C 15 12.96 12.44 6.70
CA GLU C 15 13.12 11.84 5.38
C GLU C 15 14.19 12.49 4.48
N GLY C 16 14.64 13.68 4.85
CA GLY C 16 15.71 14.33 4.11
C GLY C 16 15.23 15.20 2.97
N LYS C 17 14.59 14.59 1.98
CA LYS C 17 14.02 15.34 0.86
C LYS C 17 12.53 15.04 0.63
N LYS C 18 11.86 15.95 -0.07
CA LYS C 18 10.48 15.74 -0.47
C LYS C 18 10.39 14.62 -1.50
N LEU C 19 9.25 13.93 -1.54
CA LEU C 19 9.03 12.91 -2.57
C LEU C 19 8.67 13.60 -3.88
N GLU C 20 9.13 13.03 -4.99
CA GLU C 20 8.75 13.60 -6.27
C GLU C 20 7.60 12.81 -6.91
N HIS C 21 6.68 13.54 -7.52
CA HIS C 21 5.53 12.93 -8.17
C HIS C 21 5.63 13.06 -9.70
N PHE C 22 6.00 11.96 -10.35
CA PHE C 22 6.26 11.93 -11.79
C PHE C 22 4.99 12.10 -12.59
N THR C 23 3.88 11.65 -12.03
CA THR C 23 2.61 11.67 -12.74
C THR C 23 2.06 13.08 -12.84
N LYS C 24 2.65 14.01 -12.09
CA LYS C 24 2.30 15.41 -12.22
C LYS C 24 2.62 15.92 -13.63
N LEU C 25 3.79 15.50 -14.12
CA LEU C 25 4.34 16.00 -15.37
C LEU C 25 3.85 15.30 -16.63
N ARG C 26 3.00 14.28 -16.50
CA ARG C 26 2.39 13.64 -17.66
C ARG C 26 1.63 14.65 -18.50
N PRO C 27 1.46 14.34 -19.80
CA PRO C 27 0.56 14.99 -20.75
C PRO C 27 -0.85 15.15 -20.17
N LYS C 28 -1.58 16.18 -20.57
CA LYS C 28 -2.93 16.43 -20.05
C LYS C 28 -3.98 16.24 -21.13
N ARG C 29 -5.14 15.73 -20.76
CA ARG C 29 -6.23 15.52 -21.71
C ARG C 29 -7.48 16.26 -21.28
N ASN C 30 -7.76 17.35 -21.96
CA ASN C 30 -8.97 18.10 -21.70
C ASN C 30 -10.25 17.34 -22.05
N LYS C 31 -11.12 17.12 -21.05
CA LYS C 31 -12.44 16.51 -21.24
C LYS C 31 -13.51 17.53 -21.62
N LYS C 32 -14.68 17.03 -22.03
CA LYS C 32 -15.79 17.89 -22.43
C LYS C 32 -16.81 18.00 -21.30
N GLN C 33 -17.06 16.86 -20.66
CA GLN C 33 -17.96 16.78 -19.52
C GLN C 33 -17.13 16.31 -18.31
N GLN C 34 -17.22 17.04 -17.20
CA GLN C 34 -16.42 16.71 -16.01
C GLN C 34 -17.13 15.68 -15.09
N PRO C 35 -16.32 14.89 -14.35
CA PRO C 35 -16.86 13.81 -13.52
C PRO C 35 -17.99 14.24 -12.58
N THR C 36 -18.90 13.31 -12.33
CA THR C 36 -19.95 13.47 -11.33
C THR C 36 -19.49 12.79 -10.05
N GLN C 37 -18.77 11.69 -10.19
CA GLN C 37 -18.22 10.95 -9.05
C GLN C 37 -16.81 10.47 -9.36
N ALA C 38 -16.00 10.29 -8.31
CA ALA C 38 -14.63 9.83 -8.47
C ALA C 38 -14.58 8.38 -8.97
N ALA C 39 -15.58 7.60 -8.60
CA ALA C 39 -15.71 6.25 -9.13
C ALA C 39 -16.94 6.20 -10.02
N VAL C 40 -17.01 5.18 -10.87
CA VAL C 40 -18.13 5.02 -11.78
C VAL C 40 -18.54 3.55 -11.89
N CYS C 41 -19.81 3.31 -12.22
CA CYS C 41 -20.30 1.96 -12.50
C CYS C 41 -21.62 2.00 -13.27
N ARG C 58 -10.77 -6.32 -6.87
CA ARG C 58 -10.57 -6.43 -5.43
C ARG C 58 -9.11 -6.74 -5.12
N VAL C 59 -8.44 -5.77 -4.52
CA VAL C 59 -6.98 -5.71 -4.58
C VAL C 59 -6.04 -5.87 -3.36
N ASP C 60 -6.37 -5.67 -2.08
CA ASP C 60 -7.62 -5.28 -1.36
C ASP C 60 -8.19 -6.36 -0.39
N GLU C 61 -7.99 -7.62 -0.70
CA GLU C 61 -8.47 -8.70 0.17
C GLU C 61 -7.63 -8.85 1.44
N GLY C 62 -8.31 -8.91 2.58
CA GLY C 62 -7.65 -9.06 3.86
C GLY C 62 -7.29 -7.74 4.50
N VAL C 63 -7.29 -6.67 3.70
CA VAL C 63 -6.79 -5.36 4.16
C VAL C 63 -7.71 -4.68 5.16
N ASP C 64 -9.02 -4.82 5.01
CA ASP C 64 -9.94 -4.26 5.99
C ASP C 64 -9.65 -4.80 7.39
N GLU C 65 -9.55 -6.12 7.52
CA GLU C 65 -9.40 -6.79 8.81
C GLU C 65 -8.03 -6.56 9.46
N PHE C 66 -7.05 -6.15 8.64
CA PHE C 66 -5.78 -5.68 9.17
C PHE C 66 -5.97 -4.47 10.09
N PHE C 67 -6.90 -3.60 9.72
CA PHE C 67 -7.15 -2.38 10.48
C PHE C 67 -8.26 -2.52 11.52
N THR C 68 -8.87 -3.70 11.60
CA THR C 68 -9.88 -3.95 12.61
C THR C 68 -9.55 -5.12 13.56
N LYS C 69 -8.93 -6.18 13.05
CA LYS C 69 -8.68 -7.39 13.86
C LYS C 69 -8.00 -7.07 15.19
N LYS C 70 -8.47 -7.74 16.25
CA LYS C 70 -8.09 -7.40 17.63
C LYS C 70 -8.45 -8.57 18.52
N VAL C 71 -7.59 -8.91 19.48
CA VAL C 71 -7.86 -10.06 20.37
C VAL C 71 -9.15 -9.89 21.16
N THR C 72 -9.49 -8.64 21.47
CA THR C 72 -10.83 -8.32 21.97
C THR C 72 -11.92 -9.07 21.21
#